data_4J38
#
_entry.id   4J38
#
_cell.length_a   86.405
_cell.length_b   86.405
_cell.length_c   107.784
_cell.angle_alpha   90.00
_cell.angle_beta   90.00
_cell.angle_gamma   120.00
#
_symmetry.space_group_name_H-M   'P 31 2 1'
#
loop_
_entity.id
_entity.type
_entity.pdbx_description
1 polymer 'Outer surface protein E'
2 polymer 'Complement factor H'
3 non-polymer 'SULFATE ION'
4 water water
#
loop_
_entity_poly.entity_id
_entity_poly.type
_entity_poly.pdbx_seq_one_letter_code
_entity_poly.pdbx_strand_id
1 'polypeptide(L)'
;KIHTSYDEQSSGESKVKKIEFSKFTVKIKNKDKSGNWTDLGDLVVRKEENGIDTGLNAGGHSATFFSLEEEVVNNFVKVM
TEGGSFKTSLYYGYKEEQSVINGIQNKEIITKIEKIDGTEYITFSGDKIKNSGDKVAEYAISLEELKKNLK
;
A
2 'polypeptide(L)'
;KDSTGKCGPPPPIDNGGITSFPLSVYAPASSVEYQCANLYQLEGNKRITCRNGQWSEPPKCLHPCVISREIMENYNIALR
WTAKQKLYSRTGESVEFVCKRGYRLSSRSHTLRTTCWDGKLEYPTCAKR
;
B
#
loop_
_chem_comp.id
_chem_comp.type
_chem_comp.name
_chem_comp.formula
SO4 non-polymer 'SULFATE ION' 'O4 S -2'
#
# COMPACT_ATOMS: atom_id res chain seq x y z
N GLU A 20 -10.64 25.07 7.32
CA GLU A 20 -9.70 26.10 6.89
C GLU A 20 -9.08 25.81 5.53
N PHE A 21 -8.41 24.68 5.39
CA PHE A 21 -7.78 24.28 4.13
C PHE A 21 -8.67 23.46 3.17
N SER A 22 -8.53 23.70 1.86
CA SER A 22 -9.16 22.90 0.82
C SER A 22 -8.68 21.47 0.87
N LYS A 23 -9.63 20.55 1.07
CA LYS A 23 -9.40 19.12 1.12
C LYS A 23 -10.32 18.54 0.08
N PHE A 24 -9.90 17.45 -0.55
CA PHE A 24 -10.88 16.66 -1.26
C PHE A 24 -10.30 15.29 -1.45
N THR A 25 -11.14 14.32 -1.70
CA THR A 25 -10.63 12.98 -1.99
C THR A 25 -11.20 12.39 -3.28
N VAL A 26 -10.42 11.51 -3.88
CA VAL A 26 -10.70 10.99 -5.21
C VAL A 26 -10.33 9.51 -5.25
N LYS A 27 -10.89 8.78 -6.21
CA LYS A 27 -10.62 7.34 -6.32
C LYS A 27 -9.42 7.03 -7.22
N ILE A 28 -8.74 5.93 -6.95
CA ILE A 28 -7.55 5.65 -7.74
C ILE A 28 -7.28 4.17 -8.01
N LYS A 29 -6.62 3.91 -9.14
CA LYS A 29 -6.27 2.55 -9.53
C LYS A 29 -4.77 2.36 -9.78
N ASN A 30 -4.31 1.15 -9.51
CA ASN A 30 -3.01 0.67 -9.98
C ASN A 30 -3.13 -0.55 -10.89
N LYS A 31 -2.25 -0.63 -11.89
CA LYS A 31 -2.15 -1.86 -12.66
C LYS A 31 -1.66 -2.87 -11.64
N ASP A 32 -2.11 -4.11 -11.78
CA ASP A 32 -1.84 -5.16 -10.82
C ASP A 32 -0.68 -6.04 -11.26
N LYS A 33 -0.47 -7.16 -10.54
CA LYS A 33 0.67 -8.03 -10.77
C LYS A 33 0.73 -8.58 -12.21
N SER A 34 -0.41 -8.56 -12.89
CA SER A 34 -0.47 -8.98 -14.29
C SER A 34 -0.67 -7.77 -15.23
N GLY A 35 -0.26 -6.59 -14.78
CA GLY A 35 -0.30 -5.41 -15.62
C GLY A 35 -1.71 -4.98 -16.00
N ASN A 36 -2.69 -5.38 -15.19
CA ASN A 36 -4.08 -5.01 -15.43
C ASN A 36 -4.53 -3.95 -14.46
N TRP A 37 -5.52 -3.14 -14.84
CA TRP A 37 -5.98 -2.08 -13.95
C TRP A 37 -6.90 -2.61 -12.88
N THR A 38 -6.97 -1.91 -11.75
CA THR A 38 -7.73 -2.40 -10.61
C THR A 38 -8.01 -1.30 -9.61
N ASP A 39 -9.25 -1.23 -9.18
CA ASP A 39 -9.60 -0.36 -8.09
C ASP A 39 -8.61 -0.56 -6.93
N LEU A 40 -7.97 0.52 -6.51
CA LEU A 40 -6.97 0.44 -5.44
C LEU A 40 -7.56 1.01 -4.16
N GLY A 41 -8.09 2.22 -4.24
CA GLY A 41 -8.80 2.77 -3.11
C GLY A 41 -8.98 4.25 -3.29
N ASP A 42 -8.78 4.98 -2.19
CA ASP A 42 -8.92 6.42 -2.19
C ASP A 42 -7.61 7.15 -2.20
N LEU A 43 -7.54 8.20 -3.01
CA LEU A 43 -6.49 9.19 -2.86
C LEU A 43 -7.04 10.48 -2.26
N VAL A 44 -6.64 10.74 -1.02
CA VAL A 44 -6.97 12.01 -0.38
C VAL A 44 -5.95 13.05 -0.74
N VAL A 45 -6.46 14.22 -1.08
CA VAL A 45 -5.62 15.32 -1.53
C VAL A 45 -5.91 16.52 -0.66
N ARG A 46 -4.94 16.85 0.19
CA ARG A 46 -5.04 17.97 1.14
C ARG A 46 -4.08 19.14 0.83
N LYS A 47 -4.62 20.35 0.80
CA LYS A 47 -3.80 21.54 0.64
C LYS A 47 -3.21 21.84 1.98
N GLU A 48 -1.92 22.10 1.98
CA GLU A 48 -1.16 22.45 3.18
C GLU A 48 -0.60 23.87 3.07
N GLU A 49 -0.16 24.43 4.20
CA GLU A 49 0.60 25.69 4.19
C GLU A 49 1.79 25.58 3.25
N ASN A 50 2.50 24.46 3.29
CA ASN A 50 3.54 24.27 2.29
C ASN A 50 3.15 23.28 1.22
N GLY A 51 2.30 23.69 0.31
CA GLY A 51 1.95 22.85 -0.82
C GLY A 51 0.87 21.82 -0.56
N ILE A 52 1.15 20.57 -0.92
CA ILE A 52 0.12 19.56 -0.89
C ILE A 52 0.62 18.23 -0.37
N ASP A 53 -0.24 17.58 0.38
CA ASP A 53 0.02 16.23 0.82
C ASP A 53 -1.07 15.34 0.27
N THR A 54 -0.69 14.24 -0.37
CA THR A 54 -1.71 13.31 -0.83
C THR A 54 -1.57 12.03 -0.05
N GLY A 55 -2.70 11.47 0.34
CA GLY A 55 -2.69 10.30 1.19
C GLY A 55 -3.46 9.20 0.52
N LEU A 56 -2.99 7.98 0.67
CA LEU A 56 -3.65 6.85 0.05
C LEU A 56 -4.35 6.00 1.09
N ASN A 57 -5.68 5.99 1.02
CA ASN A 57 -6.45 5.05 1.80
C ASN A 57 -6.84 3.86 0.95
N ALA A 58 -6.30 2.71 1.31
CA ALA A 58 -6.46 1.54 0.50
C ALA A 58 -6.37 0.31 1.40
N GLY A 59 -7.45 0.03 2.11
CA GLY A 59 -7.48 -1.13 2.97
C GLY A 59 -6.89 -0.74 4.30
N GLY A 60 -5.94 -1.52 4.78
CA GLY A 60 -5.26 -1.22 6.02
C GLY A 60 -4.07 -0.31 5.81
N HIS A 61 -4.00 0.29 4.62
CA HIS A 61 -2.94 1.22 4.32
C HIS A 61 -3.52 2.60 4.17
N SER A 62 -3.10 3.52 5.05
CA SER A 62 -3.58 4.90 5.01
C SER A 62 -2.43 5.77 5.48
N ALA A 63 -1.79 6.41 4.52
CA ALA A 63 -0.51 7.00 4.77
C ALA A 63 -0.20 7.86 3.58
N THR A 64 0.73 8.79 3.75
CA THR A 64 1.03 9.72 2.70
C THR A 64 1.47 8.94 1.50
N PHE A 65 0.91 9.31 0.37
CA PHE A 65 1.24 8.67 -0.86
C PHE A 65 2.42 9.44 -1.41
N PHE A 66 2.19 10.73 -1.60
CA PHE A 66 3.24 11.65 -1.97
C PHE A 66 2.85 13.07 -1.59
N SER A 67 3.81 13.97 -1.71
CA SER A 67 3.55 15.37 -1.39
C SER A 67 4.45 16.30 -2.19
N LEU A 68 4.15 17.59 -2.10
CA LEU A 68 4.89 18.56 -2.87
C LEU A 68 4.87 19.98 -2.26
N GLU A 69 5.83 20.80 -2.69
CA GLU A 69 6.06 22.14 -2.15
C GLU A 69 5.19 23.22 -2.81
N GLU A 70 4.96 24.34 -2.12
CA GLU A 70 4.20 25.44 -2.70
C GLU A 70 4.63 25.81 -4.10
N GLU A 71 5.93 25.92 -4.31
CA GLU A 71 6.50 26.24 -5.62
C GLU A 71 5.83 25.44 -6.74
N VAL A 72 5.67 24.14 -6.51
CA VAL A 72 5.16 23.28 -7.57
C VAL A 72 3.64 23.12 -7.61
N VAL A 73 2.95 23.61 -6.61
CA VAL A 73 1.50 23.47 -6.62
C VAL A 73 0.83 23.81 -7.98
N ASN A 74 0.91 25.07 -8.38
CA ASN A 74 0.44 25.52 -9.68
C ASN A 74 0.66 24.52 -10.81
N ASN A 75 1.93 24.14 -10.98
CA ASN A 75 2.29 23.15 -11.96
C ASN A 75 1.42 21.92 -11.80
N PHE A 76 1.44 21.37 -10.60
CA PHE A 76 0.66 20.22 -10.24
C PHE A 76 -0.78 20.36 -10.70
N VAL A 77 -1.47 21.36 -10.17
CA VAL A 77 -2.85 21.63 -10.53
C VAL A 77 -3.10 21.53 -12.06
N LYS A 78 -2.13 21.95 -12.87
CA LYS A 78 -2.25 21.89 -14.32
C LYS A 78 -2.04 20.46 -14.77
N VAL A 79 -0.86 19.96 -14.44
CA VAL A 79 -0.46 18.61 -14.76
C VAL A 79 -1.56 17.58 -14.46
N MET A 80 -2.10 17.67 -13.24
CA MET A 80 -3.11 16.73 -12.78
C MET A 80 -4.42 16.88 -13.50
N THR A 81 -4.51 17.81 -14.43
CA THR A 81 -5.74 17.97 -15.21
C THR A 81 -5.48 18.11 -16.70
N GLU A 82 -4.21 18.02 -17.11
CA GLU A 82 -3.88 18.00 -18.52
C GLU A 82 -2.60 17.27 -18.84
N GLY A 83 -2.06 16.57 -17.85
CA GLY A 83 -0.83 15.83 -18.01
C GLY A 83 0.38 16.74 -18.11
N GLY A 84 1.56 16.14 -18.05
CA GLY A 84 2.80 16.88 -17.99
C GLY A 84 3.53 16.33 -16.79
N SER A 85 4.45 17.08 -16.22
CA SER A 85 5.18 16.55 -15.07
C SER A 85 5.39 17.56 -13.94
N PHE A 86 5.75 17.06 -12.76
CA PHE A 86 6.02 17.90 -11.59
C PHE A 86 6.82 17.11 -10.55
N LYS A 87 7.71 17.79 -9.84
CA LYS A 87 8.58 17.14 -8.87
C LYS A 87 7.88 17.01 -7.51
N THR A 88 8.07 15.88 -6.85
CA THR A 88 7.51 15.67 -5.53
C THR A 88 8.52 15.97 -4.44
N SER A 89 8.07 16.56 -3.34
CA SER A 89 8.99 16.71 -2.24
C SER A 89 9.30 15.32 -1.70
N LEU A 90 8.28 14.60 -1.26
CA LEU A 90 8.40 13.18 -0.87
C LEU A 90 7.48 12.24 -1.66
N TYR A 91 8.04 11.17 -2.21
CA TYR A 91 7.22 10.12 -2.82
C TYR A 91 7.33 8.78 -2.10
N TYR A 92 6.19 8.22 -1.69
CA TYR A 92 6.15 6.95 -0.98
C TYR A 92 5.61 5.86 -1.91
N GLY A 93 4.45 6.14 -2.48
CA GLY A 93 3.76 5.16 -3.29
C GLY A 93 3.01 4.18 -2.41
N TYR A 94 2.95 2.94 -2.86
CA TYR A 94 2.09 1.94 -2.28
C TYR A 94 2.82 0.61 -2.16
N LYS A 95 2.23 -0.28 -1.37
CA LYS A 95 2.94 -1.38 -0.74
C LYS A 95 3.96 -2.28 -1.48
N GLU A 96 4.00 -2.35 -2.79
CA GLU A 96 5.12 -3.15 -3.34
C GLU A 96 6.30 -2.30 -3.87
N GLU A 97 6.07 -1.00 -3.99
CA GLU A 97 7.09 -0.07 -4.49
C GLU A 97 8.27 0.04 -3.55
N GLN A 98 9.47 0.21 -4.10
CA GLN A 98 10.67 0.28 -3.27
C GLN A 98 10.57 1.50 -2.36
N SER A 99 10.05 2.59 -2.92
CA SER A 99 9.94 3.86 -2.23
C SER A 99 8.93 3.89 -1.07
N VAL A 100 8.24 2.80 -0.80
CA VAL A 100 7.09 2.91 0.09
C VAL A 100 7.42 3.06 1.57
N ILE A 101 8.44 2.35 2.06
CA ILE A 101 8.69 2.34 3.51
C ILE A 101 9.42 3.58 4.04
N ASN A 102 10.45 3.99 3.30
CA ASN A 102 11.32 5.11 3.65
C ASN A 102 10.95 6.44 2.99
N GLY A 103 10.43 6.37 1.77
CA GLY A 103 10.20 7.54 0.96
C GLY A 103 11.40 7.90 0.11
N ILE A 104 11.17 8.63 -0.97
CA ILE A 104 12.26 9.10 -1.81
C ILE A 104 12.04 10.53 -2.24
N GLN A 105 13.14 11.24 -2.50
CA GLN A 105 13.01 12.65 -2.74
C GLN A 105 13.15 13.11 -4.17
N ASN A 106 12.36 14.12 -4.50
CA ASN A 106 12.48 14.80 -5.78
C ASN A 106 12.15 13.89 -6.95
N LYS A 107 11.38 12.85 -6.67
CA LYS A 107 10.89 11.98 -7.72
C LYS A 107 9.99 12.81 -8.63
N GLU A 108 10.34 12.83 -9.91
CA GLU A 108 9.49 13.47 -10.90
C GLU A 108 8.25 12.62 -10.98
N ILE A 109 7.20 13.18 -11.57
CA ILE A 109 6.02 12.38 -11.81
C ILE A 109 5.36 12.80 -13.10
N ILE A 110 5.38 11.93 -14.09
CA ILE A 110 4.80 12.32 -15.37
C ILE A 110 3.43 11.71 -15.57
N THR A 111 2.44 12.59 -15.70
CA THR A 111 1.09 12.15 -15.98
C THR A 111 0.76 12.23 -17.46
N LYS A 112 0.18 11.16 -17.98
CA LYS A 112 -0.36 11.14 -19.33
C LYS A 112 -1.85 10.96 -19.20
N ILE A 113 -2.58 11.57 -20.13
CA ILE A 113 -4.01 11.30 -20.24
C ILE A 113 -4.19 10.07 -21.14
N GLU A 114 -4.92 9.06 -20.65
CA GLU A 114 -5.13 7.82 -21.40
C GLU A 114 -6.54 7.23 -21.18
N LYS A 115 -7.19 6.80 -22.28
CA LYS A 115 -8.53 6.24 -22.22
C LYS A 115 -8.49 4.81 -21.65
N ILE A 116 -9.50 4.47 -20.84
CA ILE A 116 -9.56 3.13 -20.23
C ILE A 116 -10.98 2.74 -19.83
N ASP A 117 -11.43 1.59 -20.37
CA ASP A 117 -12.85 1.25 -20.45
C ASP A 117 -13.52 2.39 -21.18
N GLY A 118 -14.62 2.88 -20.65
CA GLY A 118 -15.33 3.99 -21.28
C GLY A 118 -14.87 5.39 -20.89
N THR A 119 -13.89 5.47 -20.01
CA THR A 119 -13.58 6.72 -19.35
C THR A 119 -12.11 7.17 -19.48
N GLU A 120 -11.90 8.48 -19.38
CA GLU A 120 -10.59 9.09 -19.58
C GLU A 120 -9.90 9.42 -18.21
N TYR A 121 -8.63 9.04 -18.08
CA TYR A 121 -7.93 8.98 -16.78
C TYR A 121 -6.57 9.63 -16.80
N ILE A 122 -6.19 10.23 -15.68
CA ILE A 122 -4.83 10.68 -15.50
C ILE A 122 -4.00 9.52 -15.00
N THR A 123 -2.92 9.22 -15.71
CA THR A 123 -2.11 8.06 -15.33
C THR A 123 -0.69 8.47 -15.08
N PHE A 124 -0.05 7.80 -14.13
CA PHE A 124 1.33 8.09 -13.85
C PHE A 124 2.04 6.88 -13.33
N SER A 125 3.28 6.70 -13.75
CA SER A 125 4.11 5.67 -13.18
C SER A 125 4.51 6.04 -11.76
N GLY A 126 4.68 5.03 -10.92
CA GLY A 126 5.13 5.24 -9.57
C GLY A 126 6.60 4.93 -9.51
N ASP A 127 7.04 4.31 -8.43
CA ASP A 127 8.42 3.93 -8.30
C ASP A 127 8.60 2.54 -8.90
N LYS A 128 9.85 2.11 -9.04
CA LYS A 128 10.14 0.72 -9.34
C LYS A 128 9.69 -0.18 -8.19
N ILE A 129 9.79 -1.48 -8.41
CA ILE A 129 9.22 -2.45 -7.50
C ILE A 129 10.26 -3.47 -7.00
N LYS A 130 10.22 -3.74 -5.70
CA LYS A 130 11.08 -4.77 -5.13
C LYS A 130 10.45 -6.15 -5.36
N ASN A 131 11.25 -7.12 -5.78
CA ASN A 131 12.65 -6.92 -6.11
C ASN A 131 12.85 -7.19 -7.59
N SER A 132 11.87 -6.78 -8.40
CA SER A 132 11.92 -6.98 -9.84
C SER A 132 12.89 -6.02 -10.54
N GLY A 133 12.98 -6.14 -11.86
CA GLY A 133 13.86 -5.29 -12.64
C GLY A 133 13.16 -4.62 -13.81
N ASP A 134 12.89 -3.32 -13.67
CA ASP A 134 12.25 -2.52 -14.72
C ASP A 134 10.72 -2.55 -14.65
N LYS A 135 10.18 -2.95 -13.50
CA LYS A 135 8.74 -3.03 -13.33
C LYS A 135 8.22 -1.99 -12.34
N VAL A 136 8.04 -0.77 -12.83
CA VAL A 136 7.50 0.30 -12.00
C VAL A 136 6.00 0.10 -11.76
N ALA A 137 5.39 0.96 -10.94
CA ALA A 137 3.97 0.87 -10.69
C ALA A 137 3.24 1.88 -11.52
N GLU A 138 1.92 1.80 -11.55
CA GLU A 138 1.17 2.69 -12.40
C GLU A 138 -0.14 3.01 -11.71
N TYR A 139 -0.65 4.22 -11.96
CA TYR A 139 -1.83 4.70 -11.27
C TYR A 139 -2.67 5.47 -12.22
N ALA A 140 -3.98 5.41 -12.03
CA ALA A 140 -4.83 6.28 -12.78
C ALA A 140 -5.92 6.84 -11.90
N ILE A 141 -6.40 8.01 -12.30
CA ILE A 141 -7.38 8.76 -11.55
C ILE A 141 -8.26 9.40 -12.58
N SER A 142 -9.56 9.42 -12.30
CA SER A 142 -10.50 9.89 -13.29
C SER A 142 -10.32 11.37 -13.56
N LEU A 143 -9.92 11.70 -14.78
CA LEU A 143 -9.85 13.08 -15.22
C LEU A 143 -11.06 13.94 -14.84
N GLU A 144 -12.24 13.35 -14.75
CA GLU A 144 -13.43 14.15 -14.44
C GLU A 144 -13.51 14.46 -12.94
N GLU A 145 -13.05 13.54 -12.11
CA GLU A 145 -12.99 13.78 -10.66
C GLU A 145 -11.88 14.80 -10.34
N LEU A 146 -10.80 14.77 -11.12
CA LEU A 146 -9.73 15.74 -10.97
C LEU A 146 -10.18 17.13 -11.42
N LYS A 147 -10.63 17.23 -12.67
CA LYS A 147 -11.10 18.49 -13.21
C LYS A 147 -12.23 19.05 -12.34
N LYS A 148 -13.05 18.16 -11.80
CA LYS A 148 -14.10 18.58 -10.90
C LYS A 148 -13.51 19.40 -9.75
N ASN A 149 -12.46 18.86 -9.13
CA ASN A 149 -11.92 19.40 -7.88
C ASN A 149 -10.85 20.47 -8.00
N LEU A 150 -9.96 20.29 -8.97
CA LEU A 150 -8.89 21.26 -9.21
C LEU A 150 -9.30 22.30 -10.25
N LYS A 151 -10.57 22.28 -10.64
CA LYS A 151 -11.09 23.09 -11.75
C LYS A 151 -10.07 23.29 -12.88
N THR B 4 8.79 -44.90 -4.77
CA THR B 4 9.75 -43.81 -4.93
C THR B 4 9.30 -42.85 -6.03
N GLY B 5 9.44 -41.55 -5.78
CA GLY B 5 9.73 -41.01 -4.48
C GLY B 5 8.56 -40.13 -4.08
N LYS B 6 7.50 -40.77 -3.57
CA LYS B 6 6.20 -40.12 -3.39
C LYS B 6 6.09 -39.43 -2.05
N CYS B 7 5.32 -38.35 -1.99
CA CYS B 7 5.16 -37.66 -0.71
C CYS B 7 3.82 -37.94 -0.12
N GLY B 8 3.79 -37.88 1.20
CA GLY B 8 2.57 -37.86 1.96
C GLY B 8 1.98 -36.47 1.88
N PRO B 9 1.03 -36.15 2.78
CA PRO B 9 0.32 -34.87 2.78
C PRO B 9 1.27 -33.69 2.94
N PRO B 10 0.91 -32.55 2.34
CA PRO B 10 1.71 -31.33 2.46
C PRO B 10 1.72 -30.83 3.90
N PRO B 11 2.82 -30.19 4.30
CA PRO B 11 2.96 -29.75 5.68
C PRO B 11 1.99 -28.64 6.03
N PRO B 12 1.59 -28.58 7.29
CA PRO B 12 0.79 -27.46 7.76
C PRO B 12 1.62 -26.14 7.88
N ILE B 13 0.96 -24.98 7.81
CA ILE B 13 1.64 -23.75 8.15
C ILE B 13 0.78 -22.85 9.03
N ASP B 14 1.35 -22.24 10.06
CA ASP B 14 0.59 -21.33 10.90
C ASP B 14 -0.09 -20.26 10.06
N ASN B 15 -1.35 -20.06 10.39
CA ASN B 15 -2.22 -19.06 9.77
C ASN B 15 -2.44 -19.24 8.28
N GLY B 16 -2.34 -20.49 7.83
CA GLY B 16 -2.59 -20.82 6.44
C GLY B 16 -3.22 -22.18 6.17
N GLY B 17 -3.57 -22.39 4.91
CA GLY B 17 -4.18 -23.63 4.49
C GLY B 17 -3.85 -23.93 3.05
N ILE B 18 -4.11 -25.15 2.61
CA ILE B 18 -3.95 -25.44 1.19
C ILE B 18 -5.28 -25.19 0.49
N THR B 19 -5.21 -24.98 -0.82
CA THR B 19 -6.38 -24.68 -1.63
C THR B 19 -7.12 -25.92 -2.08
N SER B 20 -6.50 -27.07 -1.89
CA SER B 20 -7.01 -28.31 -2.41
C SER B 20 -7.36 -29.25 -1.25
N PHE B 21 -7.89 -30.42 -1.56
CA PHE B 21 -8.15 -31.43 -0.55
C PHE B 21 -6.91 -32.30 -0.48
N PRO B 22 -6.38 -32.50 0.72
CA PRO B 22 -5.17 -33.31 0.86
C PRO B 22 -5.36 -34.77 0.43
N LEU B 23 -4.53 -35.21 -0.52
CA LEU B 23 -4.39 -36.62 -0.82
C LEU B 23 -3.51 -37.23 0.26
N SER B 24 -3.61 -38.54 0.42
CA SER B 24 -2.82 -39.24 1.43
C SER B 24 -1.46 -39.54 0.84
N VAL B 25 -1.33 -39.31 -0.46
CA VAL B 25 -0.12 -39.60 -1.18
C VAL B 25 -0.08 -38.80 -2.47
N TYR B 26 1.11 -38.30 -2.79
CA TYR B 26 1.26 -37.46 -3.96
C TYR B 26 2.30 -38.06 -4.89
N ALA B 27 2.16 -37.77 -6.17
CA ALA B 27 3.11 -38.27 -7.13
C ALA B 27 4.20 -37.25 -7.22
N PRO B 28 5.45 -37.69 -7.42
CA PRO B 28 6.57 -36.75 -7.59
C PRO B 28 6.25 -35.69 -8.64
N ALA B 29 6.46 -34.42 -8.33
CA ALA B 29 6.26 -33.33 -9.28
C ALA B 29 4.88 -32.71 -9.17
N SER B 30 4.04 -33.26 -8.32
CA SER B 30 2.75 -32.62 -8.10
C SER B 30 2.96 -31.42 -7.20
N SER B 31 2.09 -30.42 -7.35
CA SER B 31 2.14 -29.19 -6.59
C SER B 31 0.93 -29.10 -5.71
N VAL B 32 1.03 -28.30 -4.66
CA VAL B 32 -0.16 -27.79 -4.01
C VAL B 32 0.17 -26.37 -3.66
N GLU B 33 -0.81 -25.64 -3.17
CA GLU B 33 -0.75 -24.22 -3.07
C GLU B 33 -1.38 -23.80 -1.74
N TYR B 34 -0.85 -22.75 -1.14
CA TYR B 34 -1.24 -22.37 0.20
C TYR B 34 -1.92 -21.03 0.15
N GLN B 35 -2.83 -20.80 1.07
CA GLN B 35 -3.46 -19.51 1.21
C GLN B 35 -3.33 -19.09 2.66
N CYS B 36 -3.13 -17.79 2.86
CA CYS B 36 -3.04 -17.27 4.22
C CYS B 36 -4.40 -16.82 4.66
N ALA B 37 -4.51 -16.65 5.97
CA ALA B 37 -5.73 -16.21 6.55
C ALA B 37 -5.98 -14.76 6.17
N ASN B 38 -7.11 -14.25 6.60
CA ASN B 38 -7.61 -13.00 6.10
C ASN B 38 -6.59 -11.88 5.94
N LEU B 39 -5.94 -11.53 7.03
CA LEU B 39 -5.12 -10.31 7.00
C LEU B 39 -3.63 -10.59 6.93
N TYR B 40 -3.31 -11.87 6.80
CA TYR B 40 -1.96 -12.34 6.81
C TYR B 40 -1.39 -12.23 5.41
N GLN B 41 -0.10 -12.02 5.35
CA GLN B 41 0.61 -11.84 4.11
C GLN B 41 1.41 -13.09 3.92
N LEU B 42 1.22 -13.70 2.77
CA LEU B 42 2.00 -14.87 2.45
C LEU B 42 3.37 -14.38 2.02
N GLU B 43 4.41 -14.97 2.58
CA GLU B 43 5.77 -14.67 2.20
C GLU B 43 6.40 -15.97 1.74
N GLY B 44 7.05 -15.94 0.57
CA GLY B 44 7.60 -17.15 -0.02
C GLY B 44 6.79 -17.57 -1.23
N ASN B 45 7.27 -18.59 -1.95
CA ASN B 45 6.50 -19.23 -3.03
C ASN B 45 5.24 -19.84 -2.41
N LYS B 46 4.08 -19.61 -3.05
CA LYS B 46 2.80 -20.08 -2.53
C LYS B 46 2.59 -21.55 -2.80
N ARG B 47 3.39 -22.09 -3.72
CA ARG B 47 3.16 -23.40 -4.27
C ARG B 47 4.35 -24.28 -4.01
N ILE B 48 4.13 -25.36 -3.25
CA ILE B 48 5.20 -26.30 -2.97
C ILE B 48 5.16 -27.48 -3.92
N THR B 49 6.31 -28.09 -4.16
CA THR B 49 6.37 -29.12 -5.14
C THR B 49 6.98 -30.35 -4.52
N CYS B 50 6.45 -31.51 -4.86
CA CYS B 50 6.93 -32.77 -4.30
C CYS B 50 8.05 -33.33 -5.16
N ARG B 51 9.12 -33.76 -4.51
CA ARG B 51 10.24 -34.37 -5.18
C ARG B 51 11.00 -35.25 -4.22
N ASN B 52 11.42 -36.41 -4.71
CA ASN B 52 12.23 -37.33 -3.93
C ASN B 52 11.69 -37.62 -2.53
N GLY B 53 10.38 -37.57 -2.36
CA GLY B 53 9.80 -38.02 -1.12
C GLY B 53 9.59 -36.86 -0.20
N GLN B 54 9.95 -35.68 -0.73
CA GLN B 54 10.03 -34.45 0.05
C GLN B 54 9.25 -33.29 -0.55
N TRP B 55 8.63 -32.50 0.31
CA TRP B 55 8.01 -31.27 -0.12
C TRP B 55 9.03 -30.11 -0.13
N SER B 56 8.95 -29.30 -1.17
CA SER B 56 9.78 -28.11 -1.24
C SER B 56 9.37 -27.15 -0.09
N GLU B 57 10.08 -26.05 0.06
CA GLU B 57 9.82 -25.17 1.21
C GLU B 57 8.50 -24.47 1.14
N PRO B 58 7.70 -24.60 2.21
CA PRO B 58 6.42 -23.89 2.32
C PRO B 58 6.56 -22.39 2.56
N PRO B 59 5.47 -21.66 2.37
CA PRO B 59 5.45 -20.25 2.69
C PRO B 59 5.21 -19.96 4.16
N LYS B 60 4.91 -18.70 4.45
CA LYS B 60 4.91 -18.20 5.81
C LYS B 60 3.79 -17.19 5.80
N CYS B 61 3.04 -17.11 6.90
CA CYS B 61 1.98 -16.12 6.97
C CYS B 61 2.28 -15.03 7.95
N LEU B 62 2.64 -13.87 7.40
CA LEU B 62 3.05 -12.70 8.19
C LEU B 62 1.87 -12.12 8.91
N HIS B 63 2.07 -11.74 10.17
CA HIS B 63 0.96 -11.24 10.94
C HIS B 63 0.67 -9.83 10.54
N PRO B 64 -0.60 -9.47 10.65
CA PRO B 64 -1.05 -8.09 10.57
C PRO B 64 -0.97 -7.42 11.95
N CYS B 65 -1.38 -6.16 11.98
CA CYS B 65 -1.31 -5.37 13.20
C CYS B 65 -2.67 -4.75 13.39
N VAL B 66 -3.22 -4.90 14.58
CA VAL B 66 -4.48 -4.27 14.89
C VAL B 66 -4.27 -2.89 15.51
N ILE B 67 -4.56 -1.85 14.75
CA ILE B 67 -4.61 -0.52 15.32
C ILE B 67 -5.97 -0.26 15.95
N SER B 68 -5.99 -0.29 17.28
CA SER B 68 -7.21 -0.24 18.06
C SER B 68 -7.44 1.13 18.66
N ARG B 69 -8.70 1.45 18.90
CA ARG B 69 -9.05 2.72 19.51
C ARG B 69 -8.30 2.85 20.83
N GLU B 70 -8.26 1.77 21.59
CA GLU B 70 -7.66 1.79 22.93
C GLU B 70 -6.22 2.25 22.85
N ILE B 71 -5.44 1.68 21.94
CA ILE B 71 -4.02 2.01 21.90
C ILE B 71 -3.79 3.39 21.34
N MET B 72 -4.57 3.79 20.33
CA MET B 72 -4.51 5.17 19.84
C MET B 72 -4.83 6.15 20.94
N GLU B 73 -5.47 5.68 22.01
CA GLU B 73 -5.73 6.53 23.16
C GLU B 73 -4.43 6.71 23.94
N ASN B 74 -3.89 5.60 24.44
CA ASN B 74 -2.68 5.63 25.26
C ASN B 74 -1.58 6.49 24.66
N TYR B 75 -1.52 6.53 23.34
CA TYR B 75 -0.45 7.25 22.66
C TYR B 75 -0.87 8.67 22.30
N ASN B 76 -2.16 8.96 22.45
CA ASN B 76 -2.72 10.28 22.16
C ASN B 76 -2.80 10.62 20.69
N ILE B 77 -2.99 9.59 19.87
CA ILE B 77 -2.97 9.74 18.43
C ILE B 77 -4.30 9.44 17.75
N ALA B 78 -4.32 9.64 16.43
CA ALA B 78 -5.48 9.34 15.64
C ALA B 78 -5.01 9.23 14.22
N LEU B 79 -5.79 8.55 13.41
CA LEU B 79 -5.42 8.32 12.03
C LEU B 79 -5.50 9.59 11.25
N ARG B 80 -4.41 9.91 10.55
CA ARG B 80 -4.39 11.13 9.81
C ARG B 80 -5.38 11.12 8.67
N TRP B 81 -5.49 10.00 7.93
CA TRP B 81 -6.24 10.00 6.66
C TRP B 81 -7.69 9.48 6.64
N THR B 82 -8.05 8.62 7.59
CA THR B 82 -9.43 8.17 7.75
C THR B 82 -10.01 8.59 9.07
N ALA B 83 -11.33 8.57 9.10
CA ALA B 83 -12.06 8.79 10.32
C ALA B 83 -12.20 7.45 11.09
N LYS B 84 -11.94 6.35 10.38
CA LYS B 84 -11.97 5.02 10.98
C LYS B 84 -11.27 4.99 12.34
N GLN B 85 -11.98 4.58 13.38
CA GLN B 85 -11.41 4.61 14.71
C GLN B 85 -10.54 3.38 15.00
N LYS B 86 -10.67 2.34 14.19
CA LYS B 86 -9.87 1.11 14.31
C LYS B 86 -9.36 0.72 12.94
N LEU B 87 -8.28 -0.05 12.88
CA LEU B 87 -7.75 -0.41 11.57
C LEU B 87 -6.98 -1.71 11.67
N TYR B 88 -7.12 -2.58 10.68
CA TYR B 88 -6.32 -3.80 10.67
C TYR B 88 -5.39 -3.69 9.48
N SER B 89 -4.09 -3.79 9.71
CA SER B 89 -3.11 -3.45 8.70
C SER B 89 -2.28 -4.67 8.41
N ARG B 90 -2.02 -4.95 7.14
CA ARG B 90 -1.31 -6.17 6.81
C ARG B 90 0.17 -5.83 6.79
N THR B 91 1.01 -6.76 7.21
CA THR B 91 2.42 -6.54 7.03
C THR B 91 2.70 -5.90 5.68
N GLY B 92 3.40 -4.78 5.72
CA GLY B 92 3.93 -4.16 4.53
C GLY B 92 3.12 -2.94 4.32
N GLU B 93 2.09 -2.78 5.14
CA GLU B 93 1.21 -1.63 5.02
C GLU B 93 1.57 -0.43 5.93
N SER B 94 1.63 0.76 5.34
CA SER B 94 1.93 1.95 6.14
C SER B 94 0.67 2.63 6.67
N VAL B 95 0.73 3.01 7.93
CA VAL B 95 -0.29 3.83 8.52
C VAL B 95 0.32 5.17 8.94
N GLU B 96 -0.48 6.23 8.92
CA GLU B 96 0.01 7.52 9.37
C GLU B 96 -0.97 8.26 10.27
N PHE B 97 -0.45 8.72 11.41
CA PHE B 97 -1.26 9.35 12.44
C PHE B 97 -1.11 10.85 12.51
N VAL B 98 -1.91 11.41 13.40
CA VAL B 98 -1.71 12.76 13.88
C VAL B 98 -1.91 12.74 15.38
N CYS B 99 -1.60 13.84 16.03
CA CYS B 99 -1.87 13.97 17.45
C CYS B 99 -3.33 14.35 17.56
N LYS B 100 -3.94 14.13 18.71
CA LYS B 100 -5.28 14.67 18.91
C LYS B 100 -5.13 16.13 19.31
N ARG B 101 -6.10 16.97 18.97
CA ARG B 101 -6.02 18.39 19.39
C ARG B 101 -5.64 18.42 20.86
N GLY B 102 -4.62 19.20 21.21
CA GLY B 102 -4.18 19.28 22.60
C GLY B 102 -2.79 18.76 22.90
N TYR B 103 -2.40 17.65 22.29
CA TYR B 103 -1.08 17.11 22.51
C TYR B 103 -0.21 17.44 21.34
N ARG B 104 1.07 17.17 21.52
CA ARG B 104 2.02 17.44 20.49
C ARG B 104 2.95 16.26 20.53
N LEU B 105 3.79 16.16 19.52
CA LEU B 105 4.59 14.95 19.35
C LEU B 105 5.67 14.84 20.41
N SER B 106 5.52 13.87 21.30
CA SER B 106 6.56 13.58 22.29
C SER B 106 7.96 13.60 21.69
N SER B 107 8.91 13.99 22.53
CA SER B 107 10.31 14.05 22.15
C SER B 107 10.80 12.68 21.71
N ARG B 108 10.18 11.64 22.25
CA ARG B 108 10.55 10.27 21.94
C ARG B 108 10.26 9.86 20.47
N SER B 109 9.23 10.48 19.87
CA SER B 109 8.89 10.18 18.48
C SER B 109 9.35 11.29 17.54
N HIS B 110 9.81 10.90 16.35
CA HIS B 110 10.25 11.81 15.29
C HIS B 110 9.41 11.71 14.01
N THR B 111 8.65 10.63 13.87
CA THR B 111 7.77 10.48 12.73
C THR B 111 6.43 9.90 13.11
N LEU B 112 5.44 10.25 12.30
CA LEU B 112 4.05 9.83 12.52
C LEU B 112 3.60 8.71 11.57
N ARG B 113 4.48 8.32 10.66
CA ARG B 113 4.13 7.39 9.60
C ARG B 113 4.79 6.08 9.84
N THR B 114 4.05 5.06 10.24
CA THR B 114 4.64 3.78 10.53
C THR B 114 4.22 2.72 9.55
N THR B 115 4.91 1.60 9.61
CA THR B 115 4.62 0.45 8.79
C THR B 115 4.46 -0.78 9.64
N CYS B 116 3.48 -1.61 9.32
CA CYS B 116 3.29 -2.84 10.06
C CYS B 116 4.29 -3.88 9.63
N TRP B 117 5.05 -4.41 10.58
CA TRP B 117 5.94 -5.50 10.23
C TRP B 117 5.65 -6.68 11.10
N ASP B 118 5.03 -7.70 10.49
CA ASP B 118 4.89 -8.99 11.11
C ASP B 118 4.33 -8.85 12.51
N GLY B 119 3.20 -8.16 12.61
CA GLY B 119 2.50 -8.05 13.87
C GLY B 119 3.00 -6.94 14.79
N LYS B 120 4.08 -6.27 14.40
CA LYS B 120 4.68 -5.27 15.25
C LYS B 120 4.66 -3.97 14.51
N LEU B 121 4.11 -2.95 15.16
CA LEU B 121 4.02 -1.62 14.56
C LEU B 121 4.41 -0.53 15.56
N GLU B 122 5.38 0.30 15.19
CA GLU B 122 5.96 1.26 16.14
C GLU B 122 5.14 2.54 16.26
N TYR B 123 4.37 2.67 17.33
CA TYR B 123 3.54 3.84 17.51
C TYR B 123 4.29 5.09 17.97
N PRO B 124 3.93 6.23 17.41
CA PRO B 124 4.44 7.51 17.88
C PRO B 124 3.67 7.92 19.13
N THR B 125 4.30 8.75 19.95
CA THR B 125 3.74 9.18 21.23
C THR B 125 3.49 10.67 21.20
N CYS B 126 2.34 11.10 21.68
CA CYS B 126 1.92 12.49 21.60
C CYS B 126 1.47 13.01 22.95
S SO4 C . -3.85 17.36 7.60
O1 SO4 C . -2.59 17.35 8.35
O2 SO4 C . -4.96 17.54 8.56
O3 SO4 C . -3.82 18.44 6.61
O4 SO4 C . -3.96 16.06 6.93
#